data_9OVJ
#
_entry.id   9OVJ
#
_cell.length_a   37.839
_cell.length_b   70.137
_cell.length_c   199.041
_cell.angle_alpha   90.000
_cell.angle_beta   90.000
_cell.angle_gamma   90.000
#
_symmetry.space_group_name_H-M   'P 21 21 21'
#
loop_
_entity.id
_entity.type
_entity.pdbx_description
1 polymer 'Leucine-rich repeat protein SHOC-2'
2 non-polymer "(2R)-{2-[(4-chloro[1,1'-biphenyl]-3-yl)methoxy]phenyl}[(2-oxo-2,3-dihydro-1,3-benzoxazol-5-yl)amino]acetic acid"
3 non-polymer 'POTASSIUM ION'
4 water water
#
_entity_poly.entity_id   1
_entity_poly.type   'polypeptide(L)'
_entity_poly.pdbx_seq_one_letter_code
;GPGTRKKSSNAEVIKELNKCREENSMRLDLSKRSIHILPSSIKELTQLTELYLYSNKLQSLPAEVGCLVNLMTLALSENS
LTSLPDSLDNLKKLRMLDLRHNKLREIPSVVYRLDSLTTLYLRFNRITTVEKDIKNLSKLSMLSIRENKIKQLPAEIGEL
CNLITLDVAHNQLEHLPKEIGNCTQITNLDLQHNELLDLPDTIGNLSSLSRLGLRYNRLSAIPRSLAKCSALEELNLENN
NISTLPESLLSSLVKLNSLTLARNCFQLYPVGGPSQFSTIYSLNMEHNRINKIPFGIFSRAKVLSKLNMKDNQLTSLPLD
FGTWTSMVELNLATNQLTKIPEDVSGLVSLEVLILSNNLLKKLPHGLGNLRKLRELDLEENKLESLPNEIAYLKDLQKLV
LTNNQLTTLPRGIGHLTNLTHLGLGENLLTHLPEEIGTLENLEELYLNDNPNLHSLPFELALCSKLSIMSIENCPLSHLP
PQIVAGGPSFIIQFLKMQGPYRAMV
;
_entity_poly.pdbx_strand_id   A
#
# COMPACT_ATOMS: atom_id res chain seq x y z
N SER A 8 -14.02 24.43 -26.70
CA SER A 8 -14.91 25.51 -26.30
C SER A 8 -14.35 26.92 -26.64
N SER A 9 -15.10 27.66 -27.46
CA SER A 9 -14.57 28.81 -28.17
C SER A 9 -14.59 30.09 -27.33
N ASN A 10 -13.79 31.07 -27.78
CA ASN A 10 -13.70 32.36 -27.13
C ASN A 10 -15.08 32.98 -26.91
N ALA A 11 -15.98 32.83 -27.88
CA ALA A 11 -17.29 33.46 -27.75
C ALA A 11 -18.19 32.70 -26.76
N GLU A 12 -18.02 31.39 -26.63
CA GLU A 12 -18.75 30.66 -25.59
C GLU A 12 -18.30 31.09 -24.20
N VAL A 13 -17.00 31.30 -24.04
CA VAL A 13 -16.48 31.78 -22.76
C VAL A 13 -17.07 33.15 -22.44
N ILE A 14 -17.23 33.99 -23.45
CA ILE A 14 -17.75 35.32 -23.18
C ILE A 14 -19.25 35.26 -22.91
N LYS A 15 -19.98 34.43 -23.66
CA LYS A 15 -21.39 34.21 -23.30
C LYS A 15 -21.51 33.82 -21.83
N GLU A 16 -20.63 32.94 -21.36
CA GLU A 16 -20.76 32.43 -20.00
C GLU A 16 -20.44 33.52 -18.98
N LEU A 17 -19.44 34.35 -19.26
CA LEU A 17 -19.10 35.42 -18.33
C LEU A 17 -20.24 36.43 -18.21
N ASN A 18 -20.94 36.69 -19.30
CA ASN A 18 -22.09 37.60 -19.23
C ASN A 18 -23.22 37.00 -18.40
N LYS A 19 -23.50 35.71 -18.58
CA LYS A 19 -24.51 35.07 -17.76
C LYS A 19 -24.15 35.20 -16.30
N CYS A 20 -22.88 34.96 -15.98
CA CYS A 20 -22.43 35.08 -14.61
C CYS A 20 -22.64 36.50 -14.08
N ARG A 21 -22.08 37.50 -14.77
CA ARG A 21 -22.15 38.86 -14.24
C ARG A 21 -23.58 39.36 -14.13
N GLU A 22 -24.49 38.80 -14.90
CA GLU A 22 -25.88 39.23 -14.92
C GLU A 22 -26.70 38.59 -13.81
N GLU A 23 -26.53 37.29 -13.60
CA GLU A 23 -27.15 36.59 -12.49
C GLU A 23 -26.51 36.94 -11.17
N ASN A 24 -25.46 37.77 -11.19
CA ASN A 24 -24.69 38.14 -10.01
C ASN A 24 -24.25 36.91 -9.23
N SER A 25 -23.99 35.83 -9.97
CA SER A 25 -23.54 34.60 -9.37
C SER A 25 -22.17 34.80 -8.73
N MET A 26 -21.95 34.15 -7.60
CA MET A 26 -20.70 34.28 -6.86
C MET A 26 -19.72 33.16 -7.17
N ARG A 27 -20.08 32.23 -8.03
CA ARG A 27 -19.15 31.20 -8.49
C ARG A 27 -19.26 31.06 -10.00
N LEU A 28 -18.11 30.95 -10.64
CA LEU A 28 -18.00 30.81 -12.09
C LEU A 28 -17.10 29.62 -12.39
N ASP A 29 -17.68 28.56 -12.99
CA ASP A 29 -16.91 27.38 -13.37
C ASP A 29 -16.63 27.44 -14.88
N LEU A 30 -15.38 27.76 -15.23
CA LEU A 30 -14.92 27.73 -16.61
C LEU A 30 -13.97 26.58 -16.88
N SER A 31 -14.03 25.52 -16.07
CA SER A 31 -13.10 24.42 -16.12
C SER A 31 -13.44 23.47 -17.27
N LYS A 32 -12.46 22.67 -17.67
CA LYS A 32 -12.67 21.56 -18.61
C LYS A 32 -13.23 22.06 -19.95
N ARG A 33 -12.56 23.07 -20.52
CA ARG A 33 -13.02 23.67 -21.76
C ARG A 33 -11.88 24.00 -22.71
N SER A 34 -10.66 23.53 -22.43
CA SER A 34 -9.48 23.77 -23.25
C SER A 34 -9.37 25.23 -23.70
N ILE A 35 -9.61 26.16 -22.77
CA ILE A 35 -9.42 27.58 -23.02
C ILE A 35 -7.93 27.87 -23.17
N HIS A 36 -7.58 28.73 -24.13
CA HIS A 36 -6.18 29.15 -24.24
C HIS A 36 -5.92 30.47 -23.51
N ILE A 37 -6.75 31.48 -23.72
CA ILE A 37 -6.60 32.77 -23.06
C ILE A 37 -7.92 33.12 -22.40
N LEU A 38 -7.86 33.47 -21.13
CA LEU A 38 -9.03 33.97 -20.43
C LEU A 38 -9.24 35.44 -20.80
N PRO A 39 -10.38 35.80 -21.37
CA PRO A 39 -10.58 37.21 -21.75
C PRO A 39 -10.48 38.13 -20.55
N SER A 40 -10.04 39.37 -20.78
CA SER A 40 -9.93 40.31 -19.68
C SER A 40 -11.26 40.98 -19.34
N SER A 41 -12.32 40.67 -20.08
CA SER A 41 -13.65 41.10 -19.68
C SER A 41 -14.04 40.53 -18.33
N ILE A 42 -13.28 39.55 -17.82
CA ILE A 42 -13.60 38.97 -16.51
C ILE A 42 -13.43 39.95 -15.37
N LYS A 43 -12.81 41.11 -15.63
CA LYS A 43 -12.69 42.15 -14.62
C LYS A 43 -14.05 42.63 -14.12
N GLU A 44 -15.12 42.42 -14.89
CA GLU A 44 -16.45 42.87 -14.51
C GLU A 44 -17.05 42.09 -13.36
N LEU A 45 -16.59 40.86 -13.14
CA LEU A 45 -17.27 39.90 -12.27
C LEU A 45 -16.75 40.00 -10.83
N THR A 46 -16.69 41.22 -10.31
CA THR A 46 -16.09 41.49 -9.01
C THR A 46 -16.87 40.85 -7.87
N GLN A 47 -18.09 40.38 -8.11
CA GLN A 47 -18.83 39.71 -7.06
C GLN A 47 -18.49 38.23 -6.96
N LEU A 48 -17.52 37.75 -7.73
CA LEU A 48 -17.08 36.37 -7.62
C LEU A 48 -16.35 36.13 -6.31
N THR A 49 -16.75 35.08 -5.59
CA THR A 49 -15.97 34.53 -4.49
C THR A 49 -15.33 33.20 -4.82
N GLU A 50 -15.70 32.56 -5.93
CA GLU A 50 -14.99 31.35 -6.38
C GLU A 50 -14.94 31.30 -7.90
N LEU A 51 -13.75 31.02 -8.42
CA LEU A 51 -13.48 30.97 -9.86
C LEU A 51 -12.69 29.71 -10.13
N TYR A 52 -13.25 28.82 -10.95
CA TYR A 52 -12.65 27.52 -11.27
C TYR A 52 -12.19 27.52 -12.71
N LEU A 53 -10.87 27.38 -12.91
CA LEU A 53 -10.25 27.42 -14.23
C LEU A 53 -9.48 26.15 -14.55
N TYR A 54 -9.65 25.11 -13.75
CA TYR A 54 -8.78 23.95 -13.82
C TYR A 54 -9.05 23.14 -15.08
N SER A 55 -8.03 22.41 -15.50
CA SER A 55 -8.04 21.61 -16.74
C SER A 55 -8.33 22.50 -17.94
N ASN A 56 -7.41 23.42 -18.19
CA ASN A 56 -7.47 24.10 -19.47
C ASN A 56 -6.11 24.10 -20.13
N LYS A 57 -5.92 24.96 -21.10
CA LYS A 57 -4.64 25.09 -21.78
C LYS A 57 -4.00 26.43 -21.45
N LEU A 58 -4.37 27.02 -20.32
CA LEU A 58 -3.81 28.32 -19.96
C LEU A 58 -2.30 28.24 -19.76
N GLN A 59 -1.61 29.15 -20.42
CA GLN A 59 -0.20 29.39 -20.15
C GLN A 59 0.02 30.73 -19.45
N SER A 60 -1.05 31.42 -19.06
CA SER A 60 -0.93 32.67 -18.32
C SER A 60 -2.31 33.15 -17.87
N LEU A 61 -2.33 33.72 -16.73
CA LEU A 61 -3.47 34.34 -16.09
C LEU A 61 -3.49 35.83 -16.43
N PRO A 62 -4.57 36.36 -17.01
CA PRO A 62 -4.61 37.81 -17.26
C PRO A 62 -4.50 38.56 -15.95
N ALA A 63 -4.01 39.80 -16.03
CA ALA A 63 -3.86 40.60 -14.82
C ALA A 63 -5.20 41.03 -14.25
N GLU A 64 -6.22 41.13 -15.09
CA GLU A 64 -7.53 41.62 -14.65
C GLU A 64 -8.17 40.70 -13.61
N VAL A 65 -7.67 39.47 -13.43
CA VAL A 65 -8.15 38.60 -12.36
C VAL A 65 -7.85 39.21 -11.00
N GLY A 66 -6.90 40.15 -10.95
CA GLY A 66 -6.59 40.86 -9.73
C GLY A 66 -7.67 41.82 -9.27
N CYS A 67 -8.64 42.14 -10.13
CA CYS A 67 -9.75 42.99 -9.74
C CYS A 67 -10.79 42.27 -8.92
N LEU A 68 -10.77 40.93 -8.94
CA LEU A 68 -11.81 40.12 -8.29
C LEU A 68 -11.56 40.03 -6.79
N VAL A 69 -11.60 41.21 -6.16
CA VAL A 69 -11.12 41.39 -4.79
C VAL A 69 -11.90 40.62 -3.74
N ASN A 70 -12.98 39.94 -4.11
CA ASN A 70 -13.69 39.10 -3.15
C ASN A 70 -13.45 37.61 -3.35
N LEU A 71 -12.53 37.22 -4.24
CA LEU A 71 -12.25 35.80 -4.43
C LEU A 71 -11.78 35.17 -3.14
N MET A 72 -12.33 34.00 -2.83
CA MET A 72 -11.81 33.18 -1.76
C MET A 72 -11.27 31.85 -2.24
N THR A 73 -11.54 31.48 -3.50
CA THR A 73 -11.02 30.26 -4.09
C THR A 73 -10.54 30.55 -5.50
N LEU A 74 -9.32 30.13 -5.81
CA LEU A 74 -8.76 30.26 -7.16
C LEU A 74 -8.22 28.90 -7.54
N ALA A 75 -8.98 28.19 -8.36
CA ALA A 75 -8.72 26.81 -8.73
C ALA A 75 -8.10 26.78 -10.12
N LEU A 76 -6.83 26.41 -10.19
CA LEU A 76 -6.05 26.56 -11.41
C LEU A 76 -5.30 25.29 -11.83
N SER A 77 -5.63 24.13 -11.28
CA SER A 77 -4.82 22.96 -11.55
C SER A 77 -4.98 22.53 -13.01
N GLU A 78 -4.02 21.71 -13.47
CA GLU A 78 -4.08 21.10 -14.79
C GLU A 78 -4.16 22.19 -15.87
N ASN A 79 -3.19 23.08 -15.83
CA ASN A 79 -3.02 24.12 -16.85
C ASN A 79 -1.54 24.16 -17.20
N SER A 80 -1.10 25.23 -17.84
CA SER A 80 0.32 25.36 -18.17
C SER A 80 0.90 26.66 -17.64
N LEU A 81 0.43 27.11 -16.48
CA LEU A 81 0.95 28.33 -15.90
C LEU A 81 2.42 28.18 -15.54
N THR A 82 3.21 29.22 -15.82
CA THR A 82 4.56 29.32 -15.29
C THR A 82 4.76 30.57 -14.44
N SER A 83 3.72 31.37 -14.25
CA SER A 83 3.77 32.47 -13.32
C SER A 83 2.37 32.96 -13.05
N LEU A 84 2.26 33.77 -12.00
CA LEU A 84 1.06 34.49 -11.67
C LEU A 84 1.33 35.99 -11.70
N PRO A 85 0.37 36.78 -12.17
CA PRO A 85 0.57 38.23 -12.23
C PRO A 85 0.54 38.89 -10.86
N ASP A 86 1.27 40.01 -10.76
CA ASP A 86 1.45 40.70 -9.49
C ASP A 86 0.16 41.28 -8.96
N SER A 87 -0.78 41.60 -9.85
CA SER A 87 -2.04 42.15 -9.40
C SER A 87 -2.81 41.23 -8.45
N LEU A 88 -2.48 39.94 -8.40
CA LEU A 88 -3.16 39.06 -7.45
C LEU A 88 -3.01 39.52 -6.00
N ASP A 89 -2.09 40.47 -5.76
CA ASP A 89 -1.98 41.17 -4.48
C ASP A 89 -3.31 41.66 -3.95
N ASN A 90 -4.26 42.01 -4.81
CA ASN A 90 -5.52 42.56 -4.35
C ASN A 90 -6.48 41.50 -3.79
N LEU A 91 -6.19 40.22 -4.01
CA LEU A 91 -7.03 39.15 -3.47
C LEU A 91 -6.75 39.00 -1.97
N LYS A 92 -7.15 40.02 -1.22
CA LYS A 92 -6.89 40.10 0.22
C LYS A 92 -7.83 39.21 1.05
N LYS A 93 -8.66 38.41 0.39
CA LYS A 93 -9.46 37.41 1.08
C LYS A 93 -9.21 36.02 0.52
N LEU A 94 -8.28 35.87 -0.41
CA LEU A 94 -8.08 34.58 -1.04
C LEU A 94 -7.56 33.57 -0.03
N ARG A 95 -8.39 32.59 0.31
CA ARG A 95 -8.04 31.56 1.27
C ARG A 95 -7.50 30.30 0.62
N MET A 96 -7.83 30.06 -0.64
CA MET A 96 -7.57 28.75 -1.25
C MET A 96 -7.13 28.95 -2.69
N LEU A 97 -5.91 28.46 -2.98
CA LEU A 97 -5.24 28.63 -4.26
C LEU A 97 -4.63 27.30 -4.66
N ASP A 98 -5.05 26.78 -5.82
CA ASP A 98 -4.67 25.44 -6.29
C ASP A 98 -3.93 25.58 -7.61
N LEU A 99 -2.65 25.21 -7.59
CA LEU A 99 -1.76 25.32 -8.73
C LEU A 99 -1.14 23.99 -9.12
N ARG A 100 -1.70 22.88 -8.65
CA ARG A 100 -1.02 21.62 -8.92
C ARG A 100 -1.14 21.25 -10.39
N HIS A 101 -0.17 20.49 -10.87
CA HIS A 101 -0.11 20.08 -12.26
C HIS A 101 -0.05 21.31 -13.18
N ASN A 102 0.92 22.15 -12.92
CA ASN A 102 1.29 23.19 -13.86
C ASN A 102 2.76 23.04 -14.16
N LYS A 103 3.38 24.08 -14.70
CA LYS A 103 4.77 24.04 -15.08
C LYS A 103 5.54 25.13 -14.33
N LEU A 104 5.28 25.23 -13.04
CA LEU A 104 5.93 26.23 -12.20
C LEU A 104 7.38 25.85 -11.98
N ARG A 105 8.28 26.68 -12.48
CA ARG A 105 9.70 26.51 -12.19
C ARG A 105 10.04 27.01 -10.79
N GLU A 106 9.06 27.58 -10.10
CA GLU A 106 9.19 28.19 -8.77
C GLU A 106 7.79 28.59 -8.32
N ILE A 107 7.69 28.99 -7.06
CA ILE A 107 6.43 29.60 -6.60
C ILE A 107 6.41 31.05 -7.05
N PRO A 108 5.32 31.50 -7.67
CA PRO A 108 5.27 32.90 -8.12
C PRO A 108 5.37 33.84 -6.93
N SER A 109 6.24 34.85 -7.07
CA SER A 109 6.52 35.72 -5.93
C SER A 109 5.25 36.35 -5.36
N VAL A 110 4.29 36.70 -6.23
CA VAL A 110 3.02 37.25 -5.75
C VAL A 110 2.39 36.32 -4.73
N VAL A 111 2.51 35.01 -4.94
CA VAL A 111 1.86 34.08 -4.02
C VAL A 111 2.41 34.26 -2.60
N TYR A 112 3.70 34.57 -2.48
CA TYR A 112 4.27 34.84 -1.16
C TYR A 112 3.67 36.10 -0.50
N ARG A 113 2.80 36.82 -1.20
CA ARG A 113 2.16 37.99 -0.65
C ARG A 113 0.68 37.79 -0.39
N LEU A 114 0.14 36.60 -0.66
CA LEU A 114 -1.25 36.30 -0.32
C LEU A 114 -1.28 35.75 1.09
N ASP A 115 -1.15 36.65 2.08
CA ASP A 115 -1.06 36.20 3.46
C ASP A 115 -2.42 35.90 4.08
N SER A 116 -3.49 35.96 3.28
CA SER A 116 -4.80 35.44 3.67
C SER A 116 -4.91 33.93 3.49
N LEU A 117 -4.00 33.31 2.75
CA LEU A 117 -4.17 31.93 2.31
C LEU A 117 -4.15 30.96 3.46
N THR A 118 -5.07 30.00 3.42
CA THR A 118 -5.10 28.90 4.38
C THR A 118 -4.94 27.54 3.71
N THR A 119 -4.85 27.50 2.39
CA THR A 119 -4.74 26.23 1.68
C THR A 119 -3.98 26.45 0.38
N LEU A 120 -2.88 25.73 0.20
CA LEU A 120 -2.02 25.95 -0.96
C LEU A 120 -1.60 24.61 -1.53
N TYR A 121 -2.04 24.31 -2.75
CA TYR A 121 -1.70 23.08 -3.44
C TYR A 121 -0.72 23.37 -4.55
N LEU A 122 0.41 22.66 -4.55
CA LEU A 122 1.45 22.82 -5.55
C LEU A 122 1.99 21.48 -6.02
N ARG A 123 1.24 20.41 -5.77
CA ARG A 123 1.66 19.08 -6.17
C ARG A 123 2.00 19.04 -7.65
N PHE A 124 3.09 18.35 -7.97
CA PHE A 124 3.44 18.08 -9.35
C PHE A 124 3.74 19.37 -10.09
N ASN A 125 4.92 19.95 -9.84
CA ASN A 125 5.41 21.08 -10.59
C ASN A 125 6.91 20.87 -10.76
N ARG A 126 7.64 21.94 -11.01
CA ARG A 126 9.09 21.86 -11.13
C ARG A 126 9.78 22.82 -10.17
N ILE A 127 9.19 23.03 -9.00
CA ILE A 127 9.71 24.00 -8.05
C ILE A 127 11.01 23.48 -7.44
N THR A 128 12.01 24.36 -7.33
CA THR A 128 13.25 23.97 -6.67
C THR A 128 13.46 24.66 -5.34
N THR A 129 12.88 25.84 -5.14
CA THR A 129 13.10 26.61 -3.93
C THR A 129 11.78 26.96 -3.25
N VAL A 130 11.76 26.88 -1.93
CA VAL A 130 10.77 27.55 -1.11
C VAL A 130 11.45 28.74 -0.44
N GLU A 131 11.01 29.94 -0.78
CA GLU A 131 11.69 31.16 -0.36
C GLU A 131 11.45 31.44 1.12
N LYS A 132 12.33 32.26 1.70
CA LYS A 132 12.15 32.66 3.09
C LYS A 132 10.80 33.34 3.30
N ASP A 133 10.36 34.12 2.32
CA ASP A 133 9.10 34.83 2.43
C ASP A 133 7.95 33.92 2.85
N ILE A 134 8.16 32.61 2.87
CA ILE A 134 7.05 31.72 3.17
C ILE A 134 6.46 32.06 4.53
N LYS A 135 7.22 32.75 5.39
CA LYS A 135 6.69 33.12 6.69
C LYS A 135 5.55 34.13 6.59
N ASN A 136 5.42 34.81 5.45
CA ASN A 136 4.25 35.65 5.22
C ASN A 136 2.95 34.88 5.35
N LEU A 137 2.93 33.61 4.91
CA LEU A 137 1.70 32.83 4.86
C LEU A 137 1.47 32.03 6.13
N SER A 138 1.49 32.73 7.26
CA SER A 138 1.38 32.08 8.57
C SER A 138 -0.02 31.53 8.84
N LYS A 139 -1.02 31.92 8.05
CA LYS A 139 -2.33 31.33 8.22
C LYS A 139 -2.45 29.96 7.55
N LEU A 140 -1.43 29.52 6.84
CA LEU A 140 -1.50 28.23 6.18
C LEU A 140 -1.77 27.13 7.20
N SER A 141 -2.81 26.34 6.92
CA SER A 141 -3.06 25.13 7.69
C SER A 141 -2.86 23.87 6.88
N MET A 142 -2.90 23.97 5.56
CA MET A 142 -2.60 22.86 4.67
C MET A 142 -1.64 23.38 3.60
N LEU A 143 -0.49 22.71 3.46
CA LEU A 143 0.51 23.11 2.48
C LEU A 143 0.99 21.84 1.78
N SER A 144 0.84 21.78 0.45
CA SER A 144 1.20 20.59 -0.31
C SER A 144 2.16 20.96 -1.44
N ILE A 145 3.37 20.41 -1.40
CA ILE A 145 4.35 20.63 -2.47
C ILE A 145 4.92 19.31 -2.96
N ARG A 146 4.14 18.24 -2.86
CA ARG A 146 4.70 16.95 -3.19
C ARG A 146 4.93 16.86 -4.70
N GLU A 147 5.94 16.08 -5.10
CA GLU A 147 6.30 15.92 -6.51
C GLU A 147 6.82 17.22 -7.12
N ASN A 148 7.83 17.81 -6.49
CA ASN A 148 8.57 18.94 -7.03
C ASN A 148 10.04 18.58 -6.84
N LYS A 149 10.92 19.57 -6.93
CA LYS A 149 12.35 19.33 -6.88
C LYS A 149 13.02 20.16 -5.79
N ILE A 150 12.37 20.26 -4.64
CA ILE A 150 12.85 21.12 -3.55
C ILE A 150 14.00 20.42 -2.83
N LYS A 151 15.17 21.06 -2.82
CA LYS A 151 16.33 20.49 -2.14
C LYS A 151 16.39 20.83 -0.66
N GLN A 152 15.64 21.82 -0.20
CA GLN A 152 15.78 22.29 1.17
C GLN A 152 14.55 23.09 1.58
N LEU A 153 14.26 23.06 2.89
CA LEU A 153 13.20 23.88 3.47
C LEU A 153 13.80 24.95 4.36
N PRO A 154 13.34 26.19 4.27
CA PRO A 154 13.95 27.26 5.08
C PRO A 154 13.51 27.22 6.54
N ALA A 155 14.39 27.75 7.39
CA ALA A 155 14.09 27.83 8.82
C ALA A 155 12.80 28.58 9.08
N GLU A 156 12.47 29.53 8.21
CA GLU A 156 11.27 30.34 8.41
C GLU A 156 10.01 29.49 8.24
N ILE A 157 10.16 28.18 8.11
CA ILE A 157 8.96 27.35 8.04
C ILE A 157 8.38 27.14 9.42
N GLY A 158 9.21 27.18 10.47
CA GLY A 158 8.68 27.15 11.82
C GLY A 158 7.71 28.28 12.11
N GLU A 159 7.63 29.28 11.23
CA GLU A 159 6.69 30.37 11.38
C GLU A 159 5.26 29.99 11.00
N LEU A 160 5.07 28.87 10.28
CA LEU A 160 3.76 28.41 9.86
C LEU A 160 3.05 27.68 11.01
N CYS A 161 2.75 28.45 12.06
CA CYS A 161 2.35 27.85 13.32
C CYS A 161 0.92 27.30 13.26
N ASN A 162 0.29 27.31 12.10
CA ASN A 162 -1.04 26.72 11.97
C ASN A 162 -1.11 25.56 10.99
N LEU A 163 0.01 25.02 10.53
CA LEU A 163 -0.05 23.87 9.66
C LEU A 163 -0.72 22.71 10.39
N ILE A 164 -1.56 21.99 9.66
CA ILE A 164 -2.05 20.71 10.14
C ILE A 164 -1.62 19.61 9.19
N THR A 165 -1.49 19.93 7.92
CA THR A 165 -1.08 18.96 6.92
C THR A 165 0.09 19.58 6.16
N LEU A 166 1.22 18.89 6.18
CA LEU A 166 2.40 19.30 5.43
C LEU A 166 2.86 18.11 4.62
N ASP A 167 2.84 18.25 3.31
CA ASP A 167 3.09 17.17 2.37
C ASP A 167 4.21 17.58 1.43
N VAL A 168 5.38 16.96 1.59
CA VAL A 168 6.53 17.30 0.77
C VAL A 168 7.11 16.02 0.18
N ALA A 169 6.27 15.01 0.02
CA ALA A 169 6.70 13.75 -0.56
C ALA A 169 7.32 13.98 -1.94
N HIS A 170 8.21 13.07 -2.34
CA HIS A 170 8.78 13.11 -3.68
C HIS A 170 9.49 14.44 -3.96
N ASN A 171 10.42 14.78 -3.09
CA ASN A 171 11.34 15.90 -3.30
C ASN A 171 12.75 15.40 -2.98
N GLN A 172 13.69 16.32 -2.79
CA GLN A 172 15.07 15.97 -2.55
C GLN A 172 15.58 16.54 -1.23
N LEU A 173 14.72 16.62 -0.23
CA LEU A 173 15.17 17.08 1.06
C LEU A 173 16.15 16.09 1.65
N GLU A 174 17.21 16.61 2.24
CA GLU A 174 18.14 15.78 2.99
C GLU A 174 18.10 16.04 4.48
N HIS A 175 17.51 17.15 4.92
CA HIS A 175 17.39 17.48 6.33
C HIS A 175 16.07 18.16 6.62
N LEU A 176 15.60 18.02 7.86
CA LEU A 176 14.63 19.07 8.08
C LEU A 176 15.24 20.18 8.93
N PRO A 177 14.77 21.42 8.78
CA PRO A 177 15.21 22.48 9.69
C PRO A 177 14.58 22.28 11.06
N LYS A 178 15.41 22.40 12.10
CA LYS A 178 14.92 22.18 13.46
C LYS A 178 13.68 23.01 13.78
N GLU A 179 13.50 24.15 13.11
CA GLU A 179 12.37 25.00 13.44
C GLU A 179 11.02 24.37 13.05
N ILE A 180 11.01 23.28 12.28
CA ILE A 180 9.75 22.65 11.91
C ILE A 180 9.00 22.27 13.17
N GLY A 181 9.71 22.00 14.24
CA GLY A 181 9.09 21.65 15.51
C GLY A 181 8.28 22.75 16.15
N ASN A 182 8.38 23.98 15.65
CA ASN A 182 7.47 25.03 16.06
C ASN A 182 6.09 24.85 15.49
N CYS A 183 5.92 23.96 14.50
CA CYS A 183 4.62 23.75 13.88
C CYS A 183 3.95 22.63 14.66
N THR A 184 3.33 23.01 15.76
CA THR A 184 2.86 22.04 16.74
C THR A 184 1.44 21.56 16.49
N GLN A 185 0.72 22.17 15.55
CA GLN A 185 -0.60 21.70 15.19
C GLN A 185 -0.57 20.62 14.10
N ILE A 186 0.60 20.22 13.64
CA ILE A 186 0.69 19.27 12.55
C ILE A 186 0.19 17.90 13.00
N THR A 187 -0.62 17.27 12.15
CA THR A 187 -1.13 15.92 12.37
C THR A 187 -0.81 14.95 11.23
N ASN A 188 -0.62 15.42 10.00
CA ASN A 188 -0.12 14.59 8.91
C ASN A 188 1.13 15.21 8.30
N LEU A 189 2.24 14.48 8.35
CA LEU A 189 3.50 14.89 7.76
C LEU A 189 3.97 13.78 6.83
N ASP A 190 4.01 14.05 5.54
CA ASP A 190 4.45 13.05 4.58
C ASP A 190 5.79 13.47 4.01
N LEU A 191 6.81 12.64 4.22
CA LEU A 191 8.16 12.91 3.74
C LEU A 191 8.70 11.78 2.87
N GLN A 192 7.85 10.87 2.43
CA GLN A 192 8.26 9.75 1.59
C GLN A 192 9.02 10.23 0.36
N HIS A 193 9.94 9.37 -0.08
CA HIS A 193 10.70 9.57 -1.31
C HIS A 193 11.42 10.92 -1.30
N ASN A 194 12.25 11.09 -0.29
CA ASN A 194 13.18 12.22 -0.22
C ASN A 194 14.59 11.65 -0.05
N GLU A 195 15.52 12.43 0.50
CA GLU A 195 16.83 11.89 0.79
C GLU A 195 17.25 12.23 2.20
N LEU A 196 16.28 12.25 3.12
CA LEU A 196 16.57 12.56 4.51
C LEU A 196 17.68 11.69 5.06
N LEU A 197 18.68 12.34 5.65
CA LEU A 197 19.69 11.63 6.40
C LEU A 197 19.38 11.52 7.89
N ASP A 198 18.51 12.39 8.39
CA ASP A 198 18.19 12.42 9.82
C ASP A 198 16.93 13.24 10.04
N LEU A 199 16.47 13.23 11.27
CA LEU A 199 15.37 14.07 11.66
C LEU A 199 15.82 14.97 12.80
N PRO A 200 15.33 16.19 12.85
CA PRO A 200 15.68 17.05 13.97
C PRO A 200 15.11 16.48 15.27
N ASP A 201 15.74 16.88 16.37
CA ASP A 201 15.31 16.48 17.69
C ASP A 201 14.12 17.26 18.20
N THR A 202 13.77 18.36 17.54
CA THR A 202 12.58 19.12 17.87
C THR A 202 11.31 18.39 17.50
N ILE A 203 11.43 17.20 16.91
CA ILE A 203 10.29 16.49 16.33
C ILE A 203 9.28 16.08 17.40
N GLY A 204 9.75 15.80 18.61
CA GLY A 204 8.85 15.53 19.73
C GLY A 204 7.94 16.68 20.11
N ASN A 205 8.22 17.89 19.62
CA ASN A 205 7.28 18.99 19.82
C ASN A 205 5.92 18.67 19.21
N LEU A 206 5.89 17.93 18.10
CA LEU A 206 4.66 17.70 17.34
C LEU A 206 3.80 16.67 18.04
N SER A 207 3.23 17.10 19.17
CA SER A 207 2.46 16.20 20.02
C SER A 207 1.10 15.85 19.46
N SER A 208 0.70 16.43 18.35
CA SER A 208 -0.54 16.09 17.69
C SER A 208 -0.33 15.23 16.47
N LEU A 209 0.93 14.95 16.12
CA LEU A 209 1.24 14.24 14.90
C LEU A 209 0.74 12.81 14.97
N SER A 210 -0.07 12.42 13.99
CA SER A 210 -0.62 11.06 13.99
C SER A 210 -0.19 10.21 12.79
N ARG A 211 0.12 10.81 11.65
CA ARG A 211 0.64 10.08 10.50
C ARG A 211 1.97 10.67 10.07
N LEU A 212 3.03 9.87 10.17
CA LEU A 212 4.39 10.29 9.82
C LEU A 212 4.96 9.36 8.74
N GLY A 213 5.17 9.90 7.54
CA GLY A 213 5.67 9.10 6.44
C GLY A 213 7.11 9.42 6.09
N LEU A 214 8.02 8.47 6.36
CA LEU A 214 9.43 8.62 6.06
C LEU A 214 9.93 7.52 5.15
N ARG A 215 9.02 6.82 4.47
CA ARG A 215 9.40 5.70 3.62
C ARG A 215 10.24 6.20 2.45
N TYR A 216 11.28 5.44 2.11
CA TYR A 216 12.26 5.76 1.06
C TYR A 216 13.06 7.03 1.41
N ASN A 217 13.96 6.88 2.37
CA ASN A 217 14.88 7.97 2.70
C ASN A 217 16.24 7.37 3.08
N ARG A 218 17.16 8.21 3.55
CA ARG A 218 18.49 7.76 3.93
C ARG A 218 18.70 7.75 5.45
N LEU A 219 17.61 7.57 6.23
CA LEU A 219 17.70 7.64 7.68
C LEU A 219 18.42 6.42 8.22
N SER A 220 19.34 6.65 9.16
CA SER A 220 20.00 5.55 9.83
C SER A 220 19.74 5.54 11.32
N ALA A 221 19.01 6.53 11.83
CA ALA A 221 18.63 6.54 13.23
C ALA A 221 17.33 7.31 13.35
N ILE A 222 16.52 6.92 14.33
CA ILE A 222 15.30 7.63 14.68
C ILE A 222 15.58 8.45 15.93
N PRO A 223 15.21 9.73 15.97
CA PRO A 223 15.51 10.55 17.16
C PRO A 223 14.75 10.04 18.36
N ARG A 224 15.46 9.86 19.47
CA ARG A 224 14.81 9.41 20.70
C ARG A 224 13.61 10.26 21.04
N SER A 225 13.60 11.53 20.63
CA SER A 225 12.49 12.39 21.00
C SER A 225 11.19 12.02 20.29
N LEU A 226 11.26 11.19 19.24
CA LEU A 226 10.03 10.81 18.56
C LEU A 226 9.07 10.07 19.48
N ALA A 227 9.55 9.55 20.60
CA ALA A 227 8.65 8.90 21.55
C ALA A 227 7.71 9.88 22.23
N LYS A 228 7.89 11.18 22.01
CA LYS A 228 6.95 12.16 22.53
C LYS A 228 5.81 12.47 21.57
N CYS A 229 5.82 11.92 20.36
CA CYS A 229 4.70 12.07 19.44
C CYS A 229 3.62 11.06 19.84
N SER A 230 3.01 11.32 21.00
CA SER A 230 2.09 10.37 21.59
C SER A 230 0.84 10.14 20.76
N ALA A 231 0.54 11.01 19.81
CA ALA A 231 -0.66 10.83 18.99
C ALA A 231 -0.41 9.97 17.77
N LEU A 232 0.80 9.45 17.58
CA LEU A 232 1.12 8.72 16.36
C LEU A 232 0.20 7.52 16.20
N GLU A 233 -0.45 7.44 15.04
CA GLU A 233 -1.23 6.26 14.68
C GLU A 233 -0.60 5.42 13.59
N GLU A 234 0.12 6.04 12.65
CA GLU A 234 0.78 5.31 11.58
C GLU A 234 2.19 5.83 11.41
N LEU A 235 3.16 4.94 11.50
CA LEU A 235 4.57 5.28 11.32
C LEU A 235 5.15 4.40 10.24
N ASN A 236 5.65 5.01 9.17
CA ASN A 236 6.14 4.27 8.02
C ASN A 236 7.59 4.66 7.73
N LEU A 237 8.52 3.76 8.02
CA LEU A 237 9.94 3.96 7.80
C LEU A 237 10.49 3.02 6.74
N GLU A 238 9.64 2.55 5.85
CA GLU A 238 10.03 1.51 4.91
C GLU A 238 11.21 1.96 4.05
N ASN A 239 12.15 1.04 3.85
CA ASN A 239 13.33 1.31 3.04
C ASN A 239 14.11 2.50 3.58
N ASN A 240 14.93 2.25 4.60
CA ASN A 240 15.96 3.19 5.03
C ASN A 240 17.22 2.40 5.38
N ASN A 241 18.04 2.90 6.28
CA ASN A 241 19.19 2.19 6.83
C ASN A 241 19.14 2.18 8.34
N ILE A 242 17.98 1.94 8.89
CA ILE A 242 17.78 1.91 10.33
C ILE A 242 18.09 0.50 10.80
N SER A 243 18.86 0.39 11.86
CA SER A 243 19.12 -0.92 12.40
C SER A 243 18.59 -1.10 13.82
N THR A 244 18.31 -0.02 14.55
CA THR A 244 17.67 -0.10 15.86
C THR A 244 16.79 1.11 16.07
N LEU A 245 15.95 1.07 17.09
CA LEU A 245 15.24 2.25 17.53
C LEU A 245 15.56 2.53 18.99
N PRO A 246 15.52 3.79 19.43
CA PRO A 246 15.78 4.07 20.85
C PRO A 246 14.79 3.32 21.71
N GLU A 247 15.29 2.74 22.81
CA GLU A 247 14.45 1.81 23.57
C GLU A 247 13.18 2.50 24.06
N SER A 248 12.12 1.71 24.19
CA SER A 248 10.85 2.17 24.72
C SER A 248 10.08 3.03 23.72
N LEU A 249 10.76 3.56 22.71
CA LEU A 249 10.09 4.34 21.69
C LEU A 249 8.68 3.82 21.43
N LEU A 250 8.56 2.57 20.97
CA LEU A 250 7.24 2.06 20.61
C LEU A 250 6.32 2.00 21.80
N SER A 251 6.87 1.77 22.99
CA SER A 251 6.04 1.70 24.18
C SER A 251 5.32 3.01 24.44
N SER A 252 5.95 4.14 24.12
CA SER A 252 5.37 5.48 24.34
C SER A 252 4.35 5.87 23.27
N LEU A 253 4.29 5.16 22.15
CA LEU A 253 3.35 5.47 21.07
C LEU A 253 2.08 4.66 21.32
N VAL A 254 1.26 5.20 22.23
CA VAL A 254 0.18 4.45 22.90
C VAL A 254 -1.05 4.30 22.02
N LYS A 255 -0.97 4.74 20.76
CA LYS A 255 -2.07 4.56 19.82
C LYS A 255 -1.62 4.00 18.48
N LEU A 256 -0.37 3.60 18.34
CA LEU A 256 0.15 3.18 17.06
C LEU A 256 -0.67 2.01 16.51
N ASN A 257 -1.26 2.19 15.33
CA ASN A 257 -2.08 1.16 14.67
C ASN A 257 -1.26 0.33 13.71
N SER A 258 -0.45 1.00 12.87
CA SER A 258 0.32 0.34 11.84
C SER A 258 1.75 0.86 11.85
N LEU A 259 2.68 -0.06 11.71
CA LEU A 259 4.10 0.24 11.71
C LEU A 259 4.76 -0.52 10.57
N THR A 260 5.52 0.20 9.73
CA THR A 260 6.35 -0.42 8.70
C THR A 260 7.83 -0.16 9.02
N LEU A 261 8.56 -1.23 9.34
CA LEU A 261 10.00 -1.20 9.43
C LEU A 261 10.66 -1.94 8.27
N ALA A 262 9.89 -2.32 7.26
CA ALA A 262 10.39 -3.21 6.24
C ALA A 262 11.57 -2.57 5.52
N ARG A 263 12.45 -3.42 5.02
CA ARG A 263 13.54 -2.99 4.14
C ARG A 263 14.54 -2.10 4.88
N ASN A 264 14.87 -2.48 6.11
CA ASN A 264 15.91 -1.76 6.85
C ASN A 264 17.06 -2.68 7.21
N CYS A 265 17.72 -2.46 8.33
CA CYS A 265 18.89 -3.24 8.71
C CYS A 265 18.73 -3.90 10.08
N PHE A 266 17.50 -4.20 10.49
CA PHE A 266 17.27 -4.78 11.80
C PHE A 266 17.70 -6.24 11.86
N GLN A 267 18.29 -6.63 12.97
CA GLN A 267 18.60 -8.03 13.23
C GLN A 267 17.81 -8.62 14.38
N LEU A 268 17.23 -7.81 15.23
CA LEU A 268 16.33 -8.24 16.29
C LEU A 268 15.09 -7.36 16.24
N TYR A 269 14.05 -7.77 16.95
CA TYR A 269 12.90 -6.89 17.16
C TYR A 269 13.34 -5.66 17.95
N PRO A 270 12.68 -4.53 17.78
CA PRO A 270 12.92 -3.40 18.69
C PRO A 270 12.77 -3.88 20.13
N VAL A 271 13.57 -3.30 21.02
CA VAL A 271 13.65 -3.78 22.39
C VAL A 271 12.65 -3.04 23.26
N GLY A 272 12.01 -3.79 24.14
CA GLY A 272 10.93 -3.30 24.96
C GLY A 272 10.03 -4.51 25.15
N GLY A 273 9.01 -4.40 25.98
CA GLY A 273 8.13 -5.51 26.21
C GLY A 273 6.92 -5.49 25.30
N PRO A 274 5.91 -6.28 25.66
CA PRO A 274 4.64 -6.26 24.91
C PRO A 274 4.02 -4.87 24.86
N SER A 275 4.44 -4.01 25.80
CA SER A 275 3.98 -2.62 25.81
C SER A 275 4.18 -1.94 24.47
N GLN A 276 5.14 -2.40 23.66
CA GLN A 276 5.40 -1.75 22.39
C GLN A 276 4.27 -1.97 21.40
N PHE A 277 3.66 -3.15 21.39
CA PHE A 277 2.69 -3.50 20.37
C PHE A 277 1.29 -3.67 20.93
N SER A 278 1.06 -3.16 22.14
CA SER A 278 -0.24 -3.34 22.79
C SER A 278 -1.39 -2.97 21.87
N THR A 279 -1.17 -2.06 20.93
CA THR A 279 -2.28 -1.50 20.18
C THR A 279 -2.15 -1.62 18.65
N ILE A 280 -1.11 -2.30 18.13
CA ILE A 280 -0.94 -2.37 16.68
C ILE A 280 -1.96 -3.33 16.05
N TYR A 281 -2.41 -2.95 14.87
CA TYR A 281 -3.26 -3.76 14.01
C TYR A 281 -2.50 -4.30 12.81
N SER A 282 -1.48 -3.58 12.36
CA SER A 282 -0.67 -3.98 11.22
C SER A 282 0.79 -3.73 11.54
N LEU A 283 1.63 -4.73 11.28
CA LEU A 283 3.06 -4.67 11.59
C LEU A 283 3.81 -5.35 10.45
N ASN A 284 4.56 -4.56 9.69
CA ASN A 284 5.23 -5.03 8.48
C ASN A 284 6.73 -4.87 8.65
N MET A 285 7.45 -6.00 8.61
CA MET A 285 8.90 -6.01 8.80
C MET A 285 9.64 -6.83 7.75
N GLU A 286 9.01 -7.10 6.60
CA GLU A 286 9.67 -7.82 5.52
C GLU A 286 11.02 -7.19 5.19
N HIS A 287 11.94 -8.02 4.68
CA HIS A 287 13.24 -7.56 4.15
C HIS A 287 14.14 -6.95 5.24
N ASN A 288 14.30 -7.68 6.33
CA ASN A 288 15.38 -7.37 7.26
C ASN A 288 16.19 -8.64 7.48
N ARG A 289 16.85 -8.73 8.63
CA ARG A 289 17.64 -9.90 9.04
C ARG A 289 17.26 -10.31 10.45
N ILE A 290 15.96 -10.25 10.77
CA ILE A 290 15.51 -10.57 12.12
C ILE A 290 15.59 -12.06 12.33
N ASN A 291 16.30 -12.48 13.38
CA ASN A 291 16.53 -13.89 13.58
C ASN A 291 15.58 -14.53 14.58
N LYS A 292 14.64 -13.76 15.11
CA LYS A 292 13.83 -14.27 16.21
C LYS A 292 12.63 -13.38 16.44
N ILE A 293 11.44 -13.94 16.55
CA ILE A 293 10.30 -13.24 17.12
C ILE A 293 10.36 -13.45 18.63
N PRO A 294 10.51 -12.40 19.44
CA PRO A 294 10.69 -12.59 20.88
C PRO A 294 9.48 -13.24 21.54
N PHE A 295 9.74 -14.10 22.51
CA PHE A 295 8.66 -14.64 23.32
C PHE A 295 7.87 -13.51 23.96
N GLY A 296 6.61 -13.36 23.56
CA GLY A 296 5.70 -12.48 24.26
C GLY A 296 5.48 -11.09 23.72
N ILE A 297 6.15 -10.67 22.64
CA ILE A 297 5.96 -9.29 22.20
C ILE A 297 4.52 -9.01 21.83
N PHE A 298 3.75 -10.04 21.52
CA PHE A 298 2.38 -9.83 21.11
C PHE A 298 1.41 -10.31 22.19
N SER A 299 1.90 -10.54 23.41
CA SER A 299 1.06 -10.93 24.52
C SER A 299 -0.05 -9.93 24.81
N ARG A 300 0.04 -8.71 24.31
CA ARG A 300 -0.96 -7.69 24.58
C ARG A 300 -1.59 -7.14 23.32
N ALA A 301 -1.16 -7.57 22.14
CA ALA A 301 -1.65 -7.00 20.89
C ALA A 301 -2.98 -7.66 20.58
N LYS A 302 -4.03 -7.15 21.22
CA LYS A 302 -5.34 -7.75 21.14
C LYS A 302 -6.02 -7.54 19.78
N VAL A 303 -5.44 -6.70 18.92
CA VAL A 303 -6.06 -6.42 17.62
C VAL A 303 -5.03 -6.52 16.51
N LEU A 304 -3.87 -7.10 16.82
CA LEU A 304 -2.92 -7.45 15.78
C LEU A 304 -3.55 -8.46 14.84
N SER A 305 -3.65 -8.12 13.58
CA SER A 305 -4.23 -9.05 12.62
C SER A 305 -3.47 -9.17 11.29
N LYS A 306 -2.40 -8.39 11.08
CA LYS A 306 -1.59 -8.52 9.87
C LYS A 306 -0.13 -8.36 10.25
N LEU A 307 0.61 -9.48 10.24
CA LEU A 307 2.05 -9.50 10.51
C LEU A 307 2.77 -10.01 9.27
N ASN A 308 3.73 -9.22 8.78
CA ASN A 308 4.56 -9.57 7.62
C ASN A 308 6.00 -9.70 8.07
N MET A 309 6.55 -10.91 7.99
CA MET A 309 7.94 -11.16 8.32
C MET A 309 8.72 -11.74 7.15
N LYS A 310 8.22 -11.55 5.92
CA LYS A 310 8.83 -12.15 4.75
C LYS A 310 10.30 -11.74 4.60
N ASP A 311 11.14 -12.72 4.27
CA ASP A 311 12.54 -12.49 3.93
C ASP A 311 13.30 -11.86 5.11
N ASN A 312 13.41 -12.66 6.17
CA ASN A 312 14.25 -12.33 7.33
C ASN A 312 15.18 -13.52 7.62
N GLN A 313 15.59 -13.70 8.87
CA GLN A 313 16.48 -14.79 9.26
C GLN A 313 15.82 -15.73 10.27
N LEU A 314 14.50 -15.89 10.18
CA LEU A 314 13.80 -16.78 11.10
C LEU A 314 14.19 -18.22 10.83
N THR A 315 14.62 -18.92 11.88
CA THR A 315 14.87 -20.35 11.81
C THR A 315 13.88 -21.14 12.64
N SER A 316 12.88 -20.47 13.21
CA SER A 316 12.00 -21.07 14.21
C SER A 316 10.92 -20.05 14.56
N LEU A 317 9.88 -20.55 15.23
CA LEU A 317 8.78 -19.73 15.74
C LEU A 317 8.68 -19.83 17.25
N PRO A 318 8.23 -18.78 17.92
CA PRO A 318 8.22 -18.77 19.38
C PRO A 318 7.20 -19.73 19.96
N LEU A 319 7.39 -20.05 21.23
CA LEU A 319 6.54 -21.05 21.89
C LEU A 319 5.08 -20.61 21.93
N ASP A 320 4.85 -19.30 21.95
CA ASP A 320 3.54 -18.70 22.17
C ASP A 320 2.90 -18.26 20.87
N PHE A 321 3.40 -18.74 19.75
CA PHE A 321 2.94 -18.18 18.50
C PHE A 321 1.52 -18.60 18.18
N GLY A 322 1.01 -19.66 18.81
CA GLY A 322 -0.39 -19.99 18.73
C GLY A 322 -1.30 -19.21 19.66
N THR A 323 -0.76 -18.19 20.35
CA THR A 323 -1.57 -17.29 21.15
C THR A 323 -2.04 -16.09 20.35
N TRP A 324 -1.63 -15.99 19.09
CA TRP A 324 -1.98 -14.85 18.24
C TRP A 324 -3.39 -15.05 17.66
N THR A 325 -4.37 -15.11 18.56
CA THR A 325 -5.69 -15.62 18.20
C THR A 325 -6.52 -14.64 17.39
N SER A 326 -6.04 -13.42 17.18
CA SER A 326 -6.78 -12.49 16.33
C SER A 326 -6.05 -12.18 15.02
N MET A 327 -4.98 -12.92 14.71
CA MET A 327 -4.25 -12.67 13.48
C MET A 327 -5.00 -13.21 12.27
N VAL A 328 -4.95 -12.44 11.17
CA VAL A 328 -5.68 -12.76 9.96
C VAL A 328 -4.76 -13.00 8.78
N GLU A 329 -3.70 -12.21 8.64
CA GLU A 329 -2.73 -12.38 7.58
C GLU A 329 -1.35 -12.59 8.19
N LEU A 330 -0.72 -13.72 7.85
CA LEU A 330 0.61 -14.07 8.37
C LEU A 330 1.51 -14.43 7.19
N ASN A 331 2.52 -13.61 6.96
CA ASN A 331 3.51 -13.89 5.92
C ASN A 331 4.85 -14.22 6.55
N LEU A 332 5.29 -15.47 6.37
CA LEU A 332 6.60 -15.93 6.80
C LEU A 332 7.43 -16.42 5.61
N ALA A 333 7.06 -16.01 4.40
CA ALA A 333 7.79 -16.45 3.22
C ALA A 333 9.25 -16.02 3.26
N THR A 334 10.12 -16.90 2.78
CA THR A 334 11.53 -16.60 2.60
C THR A 334 12.26 -16.43 3.92
N ASN A 335 12.03 -17.35 4.83
CA ASN A 335 12.92 -17.51 5.95
C ASN A 335 13.62 -18.87 5.79
N GLN A 336 14.16 -19.39 6.89
CA GLN A 336 14.81 -20.69 6.88
C GLN A 336 14.08 -21.65 7.80
N LEU A 337 12.76 -21.58 7.78
CA LEU A 337 11.96 -22.41 8.67
C LEU A 337 12.05 -23.86 8.24
N THR A 338 12.33 -24.75 9.19
CA THR A 338 12.38 -26.18 8.92
C THR A 338 11.14 -26.92 9.38
N LYS A 339 10.31 -26.31 10.23
CA LYS A 339 9.02 -26.91 10.53
C LYS A 339 8.12 -25.86 11.16
N ILE A 340 6.81 -26.09 11.05
CA ILE A 340 5.80 -25.25 11.68
C ILE A 340 5.33 -25.94 12.96
N PRO A 341 5.44 -25.29 14.12
CA PRO A 341 5.04 -25.94 15.37
C PRO A 341 3.59 -26.37 15.31
N GLU A 342 3.22 -27.24 16.23
CA GLU A 342 1.86 -27.74 16.25
C GLU A 342 0.87 -26.70 16.78
N ASP A 343 1.31 -25.82 17.69
CA ASP A 343 0.40 -24.78 18.18
C ASP A 343 0.02 -23.82 17.14
N VAL A 344 0.35 -24.02 15.86
CA VAL A 344 -0.28 -23.22 14.81
C VAL A 344 -1.79 -23.36 14.83
N SER A 345 -2.31 -24.35 15.53
CA SER A 345 -3.75 -24.56 15.55
C SER A 345 -4.50 -23.48 16.32
N GLY A 346 -3.81 -22.73 17.17
CA GLY A 346 -4.47 -21.67 17.92
C GLY A 346 -4.82 -20.45 17.11
N LEU A 347 -4.36 -20.33 15.87
CA LEU A 347 -4.56 -19.12 15.08
C LEU A 347 -5.92 -19.16 14.39
N VAL A 348 -6.98 -19.15 15.19
CA VAL A 348 -8.31 -19.44 14.66
C VAL A 348 -8.83 -18.36 13.74
N SER A 349 -8.20 -17.19 13.72
CA SER A 349 -8.66 -16.11 12.86
C SER A 349 -7.97 -16.09 11.51
N LEU A 350 -6.97 -16.94 11.31
CA LEU A 350 -6.10 -16.82 10.15
C LEU A 350 -6.88 -17.09 8.87
N GLU A 351 -6.76 -16.17 7.92
CA GLU A 351 -7.34 -16.32 6.60
C GLU A 351 -6.28 -16.44 5.51
N VAL A 352 -5.07 -15.96 5.77
CA VAL A 352 -4.01 -16.04 4.77
C VAL A 352 -2.74 -16.48 5.45
N LEU A 353 -2.11 -17.51 4.91
CA LEU A 353 -0.85 -18.02 5.43
C LEU A 353 0.12 -18.17 4.28
N ILE A 354 1.22 -17.43 4.34
CA ILE A 354 2.25 -17.46 3.30
C ILE A 354 3.50 -18.06 3.94
N LEU A 355 3.86 -19.26 3.49
CA LEU A 355 5.08 -19.96 3.88
C LEU A 355 5.89 -20.33 2.66
N SER A 356 5.82 -19.53 1.61
CA SER A 356 6.51 -19.90 0.39
C SER A 356 8.01 -19.65 0.53
N ASN A 357 8.79 -20.59 -0.01
CA ASN A 357 10.25 -20.56 -0.04
C ASN A 357 10.87 -20.58 1.36
N ASN A 358 10.55 -21.65 2.08
CA ASN A 358 11.30 -22.00 3.27
C ASN A 358 12.02 -23.33 3.06
N LEU A 359 12.12 -24.15 4.10
CA LEU A 359 12.86 -25.41 4.10
C LEU A 359 12.00 -26.57 4.58
N LEU A 360 10.70 -26.51 4.38
CA LEU A 360 9.78 -27.43 5.02
C LEU A 360 9.59 -28.70 4.21
N LYS A 361 9.58 -29.84 4.90
CA LYS A 361 9.32 -31.12 4.28
C LYS A 361 7.94 -31.67 4.60
N LYS A 362 7.44 -31.41 5.81
CA LYS A 362 6.09 -31.78 6.20
C LYS A 362 5.46 -30.63 6.95
N LEU A 363 4.14 -30.71 7.09
CA LEU A 363 3.30 -29.76 7.79
C LEU A 363 2.80 -30.37 9.09
N PRO A 364 2.59 -29.57 10.13
CA PRO A 364 2.06 -30.11 11.38
C PRO A 364 0.65 -30.65 11.19
N HIS A 365 0.31 -31.64 12.03
CA HIS A 365 -1.09 -32.07 12.11
C HIS A 365 -2.01 -30.90 12.39
N GLY A 366 -1.55 -29.93 13.18
CA GLY A 366 -2.39 -28.84 13.67
C GLY A 366 -2.82 -27.86 12.61
N LEU A 367 -2.22 -27.91 11.42
CA LEU A 367 -2.66 -26.99 10.39
C LEU A 367 -4.14 -27.15 10.12
N GLY A 368 -4.68 -28.34 10.39
CA GLY A 368 -6.06 -28.63 10.04
C GLY A 368 -7.08 -27.84 10.81
N ASN A 369 -6.66 -27.09 11.82
CA ASN A 369 -7.62 -26.43 12.67
C ASN A 369 -7.94 -25.00 12.25
N LEU A 370 -7.25 -24.43 11.27
CA LEU A 370 -7.53 -23.08 10.83
C LEU A 370 -8.79 -23.08 9.96
N ARG A 371 -9.94 -23.30 10.60
CA ARG A 371 -11.21 -23.45 9.88
C ARG A 371 -11.56 -22.25 9.00
N LYS A 372 -10.84 -21.13 9.10
CA LYS A 372 -11.13 -19.93 8.33
C LYS A 372 -10.07 -19.61 7.29
N LEU A 373 -8.99 -20.37 7.26
CA LEU A 373 -7.93 -20.13 6.28
C LEU A 373 -8.49 -20.24 4.86
N ARG A 374 -8.31 -19.19 4.07
CA ARG A 374 -8.77 -19.17 2.68
C ARG A 374 -7.65 -19.29 1.67
N GLU A 375 -6.42 -18.93 2.03
CA GLU A 375 -5.31 -18.93 1.09
C GLU A 375 -4.09 -19.47 1.82
N LEU A 376 -3.50 -20.54 1.29
CA LEU A 376 -2.31 -21.16 1.85
C LEU A 376 -1.25 -21.25 0.76
N ASP A 377 -0.16 -20.50 0.92
CA ASP A 377 0.93 -20.41 -0.06
C ASP A 377 2.13 -21.16 0.47
N LEU A 378 2.50 -22.25 -0.20
CA LEU A 378 3.56 -23.13 0.26
C LEU A 378 4.57 -23.41 -0.84
N GLU A 379 4.59 -22.57 -1.86
CA GLU A 379 5.50 -22.79 -2.98
C GLU A 379 6.95 -22.84 -2.50
N GLU A 380 7.77 -23.53 -3.27
CA GLU A 380 9.23 -23.39 -3.15
C GLU A 380 9.74 -24.00 -1.85
N ASN A 381 9.16 -25.11 -1.42
CA ASN A 381 9.61 -25.76 -0.21
C ASN A 381 10.23 -27.12 -0.55
N LYS A 382 10.21 -28.05 0.39
CA LYS A 382 10.74 -29.39 0.19
C LYS A 382 9.67 -30.44 0.47
N LEU A 383 8.41 -30.04 0.42
CA LEU A 383 7.30 -30.87 0.90
C LEU A 383 7.24 -32.20 0.18
N GLU A 384 7.30 -33.29 0.95
CA GLU A 384 7.17 -34.65 0.45
C GLU A 384 5.76 -35.22 0.60
N SER A 385 4.84 -34.49 1.21
CA SER A 385 3.47 -34.98 1.34
C SER A 385 2.67 -33.98 2.18
N LEU A 386 1.35 -34.02 2.01
CA LEU A 386 0.53 -33.19 2.88
C LEU A 386 -0.12 -34.04 3.97
N PRO A 387 -0.34 -33.44 5.13
CA PRO A 387 -0.95 -34.19 6.24
C PRO A 387 -2.40 -34.50 5.92
N ASN A 388 -2.90 -35.56 6.55
CA ASN A 388 -4.28 -35.92 6.25
C ASN A 388 -5.27 -34.94 6.81
N GLU A 389 -4.83 -34.03 7.68
CA GLU A 389 -5.75 -33.14 8.36
C GLU A 389 -6.14 -31.93 7.55
N ILE A 390 -5.57 -31.73 6.35
CA ILE A 390 -6.02 -30.60 5.56
C ILE A 390 -7.46 -30.77 5.09
N ALA A 391 -8.01 -31.99 5.20
CA ALA A 391 -9.42 -32.21 4.93
C ALA A 391 -10.32 -31.26 5.71
N TYR A 392 -9.79 -30.59 6.72
CA TYR A 392 -10.59 -29.72 7.58
C TYR A 392 -10.41 -28.24 7.29
N LEU A 393 -9.70 -27.89 6.23
CA LEU A 393 -9.60 -26.48 5.82
C LEU A 393 -10.83 -26.13 4.98
N LYS A 394 -11.98 -26.11 5.68
CA LYS A 394 -13.28 -25.99 5.04
C LYS A 394 -13.42 -24.70 4.24
N ASP A 395 -12.62 -23.70 4.53
CA ASP A 395 -12.78 -22.43 3.83
C ASP A 395 -11.74 -22.22 2.74
N LEU A 396 -10.84 -23.18 2.55
CA LEU A 396 -9.72 -22.93 1.66
C LEU A 396 -10.17 -22.77 0.21
N GLN A 397 -9.63 -21.74 -0.45
CA GLN A 397 -9.95 -21.46 -1.85
C GLN A 397 -8.74 -21.39 -2.77
N LYS A 398 -7.55 -21.10 -2.26
CA LYS A 398 -6.35 -21.05 -3.06
C LYS A 398 -5.27 -21.79 -2.30
N LEU A 399 -4.60 -22.72 -2.99
CA LEU A 399 -3.59 -23.59 -2.40
C LEU A 399 -2.47 -23.75 -3.41
N VAL A 400 -1.33 -23.14 -3.12
CA VAL A 400 -0.20 -23.05 -4.05
C VAL A 400 0.91 -23.94 -3.51
N LEU A 401 1.32 -24.92 -4.33
CA LEU A 401 2.31 -25.91 -3.92
C LEU A 401 3.45 -26.04 -4.93
N THR A 402 3.56 -25.08 -5.85
CA THR A 402 4.50 -25.17 -6.97
C THR A 402 5.91 -25.44 -6.48
N ASN A 403 6.58 -26.38 -7.16
CA ASN A 403 7.96 -26.73 -6.90
C ASN A 403 8.16 -27.18 -5.46
N ASN A 404 7.43 -28.21 -5.09
CA ASN A 404 7.78 -29.03 -3.95
C ASN A 404 8.13 -30.41 -4.49
N GLN A 405 8.04 -31.43 -3.65
CA GLN A 405 8.31 -32.76 -4.16
C GLN A 405 7.25 -33.73 -3.66
N LEU A 406 5.99 -33.36 -3.83
CA LEU A 406 4.89 -34.26 -3.53
C LEU A 406 4.81 -35.35 -4.59
N THR A 407 4.48 -36.57 -4.16
CA THR A 407 4.23 -37.64 -5.10
C THR A 407 2.75 -37.92 -5.28
N THR A 408 1.92 -37.63 -4.29
CA THR A 408 0.46 -37.67 -4.49
C THR A 408 -0.18 -36.61 -3.59
N LEU A 409 -1.47 -36.75 -3.34
CA LEU A 409 -2.18 -35.86 -2.43
C LEU A 409 -3.03 -36.70 -1.49
N PRO A 410 -3.28 -36.23 -0.28
CA PRO A 410 -4.13 -36.99 0.64
C PRO A 410 -5.49 -37.23 0.03
N ARG A 411 -6.06 -38.40 0.35
CA ARG A 411 -7.42 -38.64 -0.10
C ARG A 411 -8.38 -37.63 0.48
N GLY A 412 -8.05 -37.10 1.67
CA GLY A 412 -8.86 -36.05 2.29
C GLY A 412 -8.96 -34.78 1.48
N ILE A 413 -8.12 -34.61 0.46
CA ILE A 413 -8.14 -33.40 -0.37
C ILE A 413 -9.53 -33.14 -0.91
N GLY A 414 -10.31 -34.19 -1.11
CA GLY A 414 -11.61 -34.05 -1.74
C GLY A 414 -12.65 -33.34 -0.91
N HIS A 415 -12.35 -33.07 0.36
CA HIS A 415 -13.29 -32.37 1.24
C HIS A 415 -13.21 -30.85 1.11
N LEU A 416 -12.30 -30.32 0.30
CA LEU A 416 -12.12 -28.88 0.23
C LEU A 416 -13.15 -28.28 -0.73
N THR A 417 -14.40 -28.31 -0.28
CA THR A 417 -15.53 -27.85 -1.11
C THR A 417 -15.22 -26.54 -1.82
N ASN A 418 -14.66 -25.58 -1.09
CA ASN A 418 -14.55 -24.20 -1.56
C ASN A 418 -13.30 -23.97 -2.40
N LEU A 419 -12.58 -25.03 -2.75
CA LEU A 419 -11.27 -24.85 -3.35
C LEU A 419 -11.41 -24.50 -4.83
N THR A 420 -10.81 -23.38 -5.23
CA THR A 420 -10.90 -22.95 -6.62
C THR A 420 -9.58 -23.00 -7.37
N HIS A 421 -8.46 -22.65 -6.74
CA HIS A 421 -7.16 -22.64 -7.40
C HIS A 421 -6.30 -23.70 -6.73
N LEU A 422 -5.86 -24.68 -7.51
CA LEU A 422 -5.02 -25.78 -7.02
C LEU A 422 -3.73 -25.79 -7.85
N GLY A 423 -2.70 -25.13 -7.33
CA GLY A 423 -1.41 -25.08 -8.02
C GLY A 423 -0.48 -26.20 -7.60
N LEU A 424 -0.26 -27.17 -8.50
CA LEU A 424 0.59 -28.33 -8.24
C LEU A 424 1.73 -28.47 -9.26
N GLY A 425 2.13 -27.39 -9.91
CA GLY A 425 3.17 -27.50 -10.89
C GLY A 425 4.53 -27.77 -10.25
N GLU A 426 5.43 -28.32 -11.06
CA GLU A 426 6.84 -28.50 -10.66
C GLU A 426 6.95 -29.42 -9.44
N ASN A 427 6.14 -30.47 -9.41
CA ASN A 427 6.20 -31.46 -8.35
C ASN A 427 6.65 -32.81 -8.92
N LEU A 428 6.50 -33.86 -8.11
CA LEU A 428 6.86 -35.21 -8.47
C LEU A 428 5.64 -36.11 -8.49
N LEU A 429 4.48 -35.55 -8.82
CA LEU A 429 3.22 -36.28 -8.76
C LEU A 429 3.26 -37.53 -9.63
N THR A 430 2.80 -38.64 -9.07
CA THR A 430 2.56 -39.83 -9.87
C THR A 430 1.12 -39.95 -10.33
N HIS A 431 0.18 -39.52 -9.49
CA HIS A 431 -1.24 -39.66 -9.78
C HIS A 431 -2.01 -38.78 -8.82
N LEU A 432 -3.29 -38.59 -9.11
CA LEU A 432 -4.10 -37.86 -8.15
C LEU A 432 -5.20 -38.76 -7.61
N PRO A 433 -5.63 -38.52 -6.38
CA PRO A 433 -6.66 -39.38 -5.79
C PRO A 433 -8.01 -39.18 -6.46
N GLU A 434 -8.81 -40.25 -6.46
CA GLU A 434 -10.11 -40.16 -7.12
C GLU A 434 -10.98 -39.08 -6.51
N GLU A 435 -10.85 -38.85 -5.18
CA GLU A 435 -11.62 -37.82 -4.46
C GLU A 435 -11.28 -36.38 -4.88
N ILE A 436 -10.40 -36.17 -5.85
CA ILE A 436 -10.34 -34.89 -6.54
C ILE A 436 -11.70 -34.51 -7.12
N GLY A 437 -12.56 -35.51 -7.36
CA GLY A 437 -13.81 -35.28 -8.08
C GLY A 437 -14.84 -34.52 -7.28
N THR A 438 -14.76 -34.57 -5.96
CA THR A 438 -15.70 -33.84 -5.13
C THR A 438 -15.29 -32.38 -4.92
N LEU A 439 -14.31 -31.88 -5.68
CA LEU A 439 -13.91 -30.47 -5.61
C LEU A 439 -14.94 -29.64 -6.37
N GLU A 440 -16.02 -29.29 -5.65
CA GLU A 440 -17.20 -28.68 -6.26
C GLU A 440 -16.84 -27.45 -7.07
N ASN A 441 -15.86 -26.67 -6.61
CA ASN A 441 -15.62 -25.34 -7.15
C ASN A 441 -14.23 -25.18 -7.77
N LEU A 442 -13.51 -26.26 -7.98
CA LEU A 442 -12.21 -26.16 -8.63
C LEU A 442 -12.34 -25.52 -10.00
N GLU A 443 -11.72 -24.36 -10.20
CA GLU A 443 -11.68 -23.70 -11.49
C GLU A 443 -10.33 -23.81 -12.19
N GLU A 444 -9.25 -23.70 -11.44
CA GLU A 444 -7.91 -23.67 -11.99
C GLU A 444 -7.09 -24.78 -11.36
N LEU A 445 -6.45 -25.60 -12.19
CA LEU A 445 -5.65 -26.72 -11.72
C LEU A 445 -4.32 -26.74 -12.46
N TYR A 446 -3.24 -26.34 -11.82
CA TYR A 446 -1.95 -26.32 -12.49
C TYR A 446 -1.19 -27.60 -12.16
N LEU A 447 -0.82 -28.34 -13.22
CA LEU A 447 -0.12 -29.62 -13.15
C LEU A 447 1.13 -29.65 -14.03
N ASN A 448 1.56 -28.52 -14.56
CA ASN A 448 2.67 -28.52 -15.50
C ASN A 448 3.99 -28.91 -14.82
N ASP A 449 4.83 -29.61 -15.57
CA ASP A 449 6.18 -29.95 -15.13
C ASP A 449 6.14 -30.94 -13.98
N ASN A 450 5.51 -32.09 -14.24
CA ASN A 450 5.52 -33.27 -13.37
C ASN A 450 6.00 -34.44 -14.23
N PRO A 451 7.31 -34.65 -14.31
CA PRO A 451 7.84 -35.67 -15.24
C PRO A 451 7.31 -37.07 -15.01
N ASN A 452 6.54 -37.31 -13.95
CA ASN A 452 6.15 -38.68 -13.60
C ASN A 452 4.65 -38.86 -13.45
N LEU A 453 3.84 -37.88 -13.82
CA LEU A 453 2.39 -37.97 -13.69
C LEU A 453 1.84 -38.79 -14.87
N HIS A 454 1.34 -39.98 -14.59
CA HIS A 454 1.02 -40.90 -15.66
C HIS A 454 -0.46 -41.11 -15.87
N SER A 455 -1.32 -40.45 -15.11
CA SER A 455 -2.75 -40.58 -15.38
C SER A 455 -3.57 -39.57 -14.61
N LEU A 456 -4.42 -38.87 -15.30
CA LEU A 456 -5.44 -38.18 -14.55
C LEU A 456 -6.57 -39.16 -14.22
N PRO A 457 -7.17 -39.05 -13.03
CA PRO A 457 -8.31 -39.91 -12.73
C PRO A 457 -9.53 -39.47 -13.50
N PHE A 458 -10.41 -40.44 -13.74
CA PHE A 458 -11.63 -40.17 -14.48
C PHE A 458 -12.56 -39.22 -13.72
N GLU A 459 -12.44 -39.18 -12.39
CA GLU A 459 -13.34 -38.32 -11.61
C GLU A 459 -12.99 -36.86 -11.74
N LEU A 460 -11.92 -36.53 -12.47
CA LEU A 460 -11.66 -35.13 -12.78
C LEU A 460 -12.77 -34.51 -13.62
N ALA A 461 -13.55 -35.33 -14.32
CA ALA A 461 -14.63 -34.83 -15.15
C ALA A 461 -15.79 -34.29 -14.32
N LEU A 462 -15.87 -34.64 -13.04
CA LEU A 462 -16.92 -34.12 -12.17
C LEU A 462 -16.58 -32.75 -11.62
N CYS A 463 -15.48 -32.13 -12.02
CA CYS A 463 -15.20 -30.76 -11.65
C CYS A 463 -15.72 -29.86 -12.77
N SER A 464 -17.01 -29.56 -12.71
CA SER A 464 -17.68 -28.86 -13.80
C SER A 464 -17.51 -27.33 -13.78
N LYS A 465 -16.64 -26.80 -12.93
CA LYS A 465 -16.24 -25.40 -13.07
C LYS A 465 -14.81 -25.27 -13.58
N LEU A 466 -14.16 -26.40 -13.86
CA LEU A 466 -12.76 -26.45 -14.26
C LEU A 466 -12.58 -25.84 -15.63
N SER A 467 -11.92 -24.69 -15.71
CA SER A 467 -11.73 -24.02 -16.99
C SER A 467 -10.28 -23.72 -17.30
N ILE A 468 -9.36 -24.07 -16.41
CA ILE A 468 -7.93 -23.91 -16.64
C ILE A 468 -7.25 -25.16 -16.10
N MET A 469 -6.51 -25.85 -16.95
CA MET A 469 -5.68 -26.98 -16.54
C MET A 469 -4.43 -26.96 -17.40
N SER A 470 -3.26 -26.89 -16.80
CA SER A 470 -2.03 -27.01 -17.56
C SER A 470 -1.38 -28.33 -17.22
N ILE A 471 -1.07 -29.11 -18.26
CA ILE A 471 -0.43 -30.42 -18.13
C ILE A 471 0.80 -30.48 -19.01
N GLU A 472 1.29 -29.33 -19.45
CA GLU A 472 2.44 -29.28 -20.33
C GLU A 472 3.64 -29.92 -19.65
N ASN A 473 4.26 -30.89 -20.32
CA ASN A 473 5.44 -31.60 -19.78
C ASN A 473 5.05 -32.60 -18.69
N CYS A 474 3.96 -33.32 -18.92
CA CYS A 474 3.61 -34.48 -18.11
C CYS A 474 3.47 -35.67 -19.04
N PRO A 475 4.19 -36.77 -18.79
CA PRO A 475 4.05 -37.96 -19.65
C PRO A 475 2.59 -38.28 -19.95
N LEU A 476 1.82 -38.54 -18.89
CA LEU A 476 0.44 -38.98 -19.02
C LEU A 476 0.35 -40.22 -19.91
N SER A 477 1.26 -41.17 -19.70
CA SER A 477 1.39 -42.26 -20.65
C SER A 477 0.25 -43.26 -20.57
N HIS A 478 -0.57 -43.23 -19.53
CA HIS A 478 -1.74 -44.09 -19.47
C HIS A 478 -2.89 -43.59 -20.34
N LEU A 479 -2.82 -42.37 -20.84
CA LEU A 479 -3.86 -41.92 -21.76
C LEU A 479 -3.35 -42.03 -23.19
N PRO A 480 -4.21 -42.18 -24.20
CA PRO A 480 -3.72 -42.35 -25.58
C PRO A 480 -2.86 -41.17 -25.99
N PRO A 481 -1.72 -41.42 -26.66
CA PRO A 481 -0.80 -40.31 -26.97
C PRO A 481 -1.44 -39.19 -27.75
N GLN A 482 -2.36 -39.52 -28.66
CA GLN A 482 -2.90 -38.45 -29.48
C GLN A 482 -3.92 -37.61 -28.73
N ILE A 483 -4.58 -38.18 -27.70
CA ILE A 483 -5.42 -37.37 -26.83
C ILE A 483 -4.57 -36.35 -26.09
N VAL A 484 -3.57 -36.83 -25.35
CA VAL A 484 -2.73 -35.94 -24.55
C VAL A 484 -1.92 -35.00 -25.44
N ALA A 485 -1.71 -35.37 -26.70
CA ALA A 485 -1.06 -34.46 -27.64
C ALA A 485 -1.94 -33.28 -27.98
N GLY A 486 -3.26 -33.41 -27.85
CA GLY A 486 -4.16 -32.30 -28.10
C GLY A 486 -4.50 -31.48 -26.88
N GLY A 487 -3.71 -31.59 -25.81
CA GLY A 487 -3.79 -30.65 -24.72
C GLY A 487 -5.03 -30.74 -23.86
N PRO A 488 -5.19 -29.79 -22.93
CA PRO A 488 -6.28 -29.91 -21.94
C PRO A 488 -7.65 -29.95 -22.56
N SER A 489 -7.83 -29.28 -23.70
CA SER A 489 -9.01 -29.47 -24.54
C SER A 489 -9.41 -30.95 -24.60
N PHE A 490 -8.54 -31.78 -25.18
CA PHE A 490 -8.89 -33.16 -25.51
C PHE A 490 -8.77 -34.10 -24.32
N ILE A 491 -7.85 -33.83 -23.38
CA ILE A 491 -7.71 -34.70 -22.22
C ILE A 491 -8.97 -34.67 -21.38
N ILE A 492 -9.53 -33.49 -21.15
CA ILE A 492 -10.71 -33.38 -20.30
C ILE A 492 -11.93 -33.93 -21.02
N GLN A 493 -12.04 -33.66 -22.34
CA GLN A 493 -13.08 -34.29 -23.12
C GLN A 493 -12.99 -35.80 -23.00
N PHE A 494 -11.77 -36.33 -23.09
CA PHE A 494 -11.59 -37.78 -23.04
C PHE A 494 -12.02 -38.31 -21.68
N LEU A 495 -11.80 -37.52 -20.63
CA LEU A 495 -12.10 -37.98 -19.28
C LEU A 495 -13.59 -37.95 -18.98
N LYS A 496 -14.36 -37.07 -19.64
CA LYS A 496 -15.81 -37.08 -19.47
C LYS A 496 -16.46 -38.24 -20.21
N MET A 497 -16.21 -38.35 -21.51
CA MET A 497 -17.02 -39.20 -22.36
C MET A 497 -16.61 -40.67 -22.32
N GLN A 498 -15.34 -40.94 -22.04
CA GLN A 498 -14.83 -42.30 -22.06
C GLN A 498 -14.61 -42.83 -20.65
N GLY A 499 -14.98 -42.06 -19.63
CA GLY A 499 -15.03 -42.55 -18.27
C GLY A 499 -16.45 -42.93 -17.91
N PRO A 500 -16.69 -43.24 -16.66
CA PRO A 500 -18.02 -43.72 -16.27
C PRO A 500 -18.93 -42.62 -15.74
N TYR A 501 -18.75 -41.37 -16.17
CA TYR A 501 -19.65 -40.30 -15.75
C TYR A 501 -20.24 -39.55 -16.92
N ARG A 502 -20.06 -40.06 -18.13
CA ARG A 502 -20.59 -39.36 -19.29
C ARG A 502 -22.09 -39.13 -19.18
N ALA A 503 -22.77 -39.92 -18.35
CA ALA A 503 -24.17 -39.67 -18.04
C ALA A 503 -24.38 -38.44 -17.17
N MET A 504 -23.31 -37.79 -16.69
CA MET A 504 -23.46 -36.64 -15.79
C MET A 504 -22.27 -35.67 -15.85
#